data_2V9V
#
_entry.id   2V9V
#
_cell.length_a   65.349
_cell.length_b   46.087
_cell.length_c   58.683
_cell.angle_alpha   90.00
_cell.angle_beta   120.45
_cell.angle_gamma   90.00
#
_symmetry.space_group_name_H-M   'C 1 2 1'
#
loop_
_entity.id
_entity.type
_entity.pdbx_description
1 polymer 'SELENOCYSTEINE-SPECIFIC ELONGATION FACTOR'
2 non-polymer 'CHLORIDE ION'
3 non-polymer 'SODIUM ION'
4 water water
#
_entity_poly.entity_id   1
_entity_poly.type   'polypeptide(L)'
_entity_poly.pdbx_seq_one_letter_code
;GSPEKILAQIIQEHREGLDWQEAATRASLSLEETRKLLQSMAAAGQVTLLRVENDLYAISTERYQAWWQAVTRALEEFHS
RYPLRPGLAREELRSRYFSRLPARVYQALLEEWSREGRLQLAANTVALAGFTPSF
;
_entity_poly.pdbx_strand_id   A
#
# COMPACT_ATOMS: atom_id res chain seq x y z
N GLY A 1 8.53 -24.93 12.54
CA GLY A 1 7.11 -24.59 12.80
C GLY A 1 6.33 -25.10 11.61
N SER A 2 5.02 -24.97 11.64
CA SER A 2 4.18 -25.48 10.57
C SER A 2 4.29 -24.61 9.34
N PRO A 3 3.89 -25.16 8.18
CA PRO A 3 3.93 -24.37 6.98
C PRO A 3 3.13 -23.06 7.05
N GLU A 4 1.98 -23.08 7.70
CA GLU A 4 1.19 -21.88 7.80
C GLU A 4 1.91 -20.81 8.63
N LYS A 5 2.56 -21.21 9.71
CA LYS A 5 3.32 -20.26 10.54
C LYS A 5 4.51 -19.72 9.75
N ILE A 6 5.17 -20.58 8.97
CA ILE A 6 6.29 -20.11 8.14
C ILE A 6 5.85 -19.02 7.15
N LEU A 7 4.74 -19.27 6.46
CA LEU A 7 4.23 -18.30 5.50
C LEU A 7 3.80 -17.00 6.21
N ALA A 8 3.08 -17.12 7.30
CA ALA A 8 2.65 -15.95 8.04
C ALA A 8 3.83 -15.08 8.44
N GLN A 9 4.90 -15.68 8.91
CA GLN A 9 6.06 -14.92 9.32
C GLN A 9 6.70 -14.21 8.13
N ILE A 10 6.82 -14.92 7.00
CA ILE A 10 7.36 -14.31 5.80
C ILE A 10 6.60 -13.02 5.46
N ILE A 11 5.29 -13.09 5.43
N ILE A 11 5.27 -13.11 5.45
CA ILE A 11 4.54 -11.92 5.05
CA ILE A 11 4.42 -11.98 5.11
C ILE A 11 4.54 -10.85 6.15
C ILE A 11 4.46 -10.87 6.15
N GLN A 12 4.28 -11.25 7.40
CA GLN A 12 4.14 -10.26 8.46
C GLN A 12 5.45 -9.48 8.67
N GLU A 13 6.60 -10.13 8.51
CA GLU A 13 7.91 -9.50 8.68
C GLU A 13 8.32 -8.69 7.49
N HIS A 14 7.70 -8.84 6.33
CA HIS A 14 8.25 -8.25 5.13
C HIS A 14 7.82 -6.77 5.14
N ARG A 15 8.79 -5.87 5.09
CA ARG A 15 8.52 -4.42 5.21
C ARG A 15 7.82 -3.79 4.01
N GLU A 16 7.84 -4.44 2.84
CA GLU A 16 7.15 -3.91 1.69
C GLU A 16 6.08 -4.82 1.11
N GLY A 17 6.01 -6.06 1.57
CA GLY A 17 5.20 -7.08 0.88
C GLY A 17 5.96 -7.69 -0.28
N LEU A 18 5.41 -8.77 -0.83
CA LEU A 18 6.14 -9.52 -1.85
C LEU A 18 5.16 -10.21 -2.77
N ASP A 19 5.67 -10.55 -3.95
CA ASP A 19 4.91 -11.32 -4.93
C ASP A 19 4.49 -12.62 -4.25
N TRP A 20 3.23 -13.00 -4.38
CA TRP A 20 2.77 -14.22 -3.73
C TRP A 20 3.57 -15.47 -4.19
N GLN A 21 4.06 -15.47 -5.42
N GLN A 21 4.06 -15.45 -5.42
CA GLN A 21 4.87 -16.59 -5.88
CA GLN A 21 4.81 -16.60 -5.93
C GLN A 21 6.20 -16.66 -5.17
C GLN A 21 6.24 -16.65 -5.33
N GLU A 22 6.79 -15.50 -4.91
CA GLU A 22 8.00 -15.42 -4.13
C GLU A 22 7.75 -15.92 -2.73
N ALA A 23 6.63 -15.53 -2.12
CA ALA A 23 6.27 -16.04 -0.79
C ALA A 23 6.13 -17.56 -0.83
N ALA A 24 5.45 -18.10 -1.84
CA ALA A 24 5.28 -19.56 -1.98
C ALA A 24 6.64 -20.25 -2.01
N THR A 25 7.55 -19.68 -2.81
CA THR A 25 8.87 -20.28 -2.96
C THR A 25 9.62 -20.25 -1.62
N ARG A 26 9.58 -19.12 -0.94
CA ARG A 26 10.27 -18.99 0.36
C ARG A 26 9.70 -19.92 1.41
N ALA A 27 8.41 -20.24 1.34
CA ALA A 27 7.74 -21.13 2.28
C ALA A 27 7.77 -22.58 1.84
N SER A 28 8.33 -22.88 0.67
CA SER A 28 8.31 -24.24 0.10
C SER A 28 6.89 -24.78 -0.05
N LEU A 29 5.99 -23.94 -0.51
CA LEU A 29 4.59 -24.30 -0.68
C LEU A 29 4.19 -24.23 -2.14
N SER A 30 3.21 -25.04 -2.52
CA SER A 30 2.56 -24.88 -3.80
C SER A 30 1.84 -23.54 -3.88
N LEU A 31 1.55 -23.13 -5.11
CA LEU A 31 0.66 -21.99 -5.31
C LEU A 31 -0.73 -22.25 -4.72
N GLU A 32 -1.28 -23.45 -4.93
CA GLU A 32 -2.59 -23.80 -4.40
C GLU A 32 -2.65 -23.54 -2.87
N GLU A 33 -1.68 -24.10 -2.16
CA GLU A 33 -1.69 -23.99 -0.71
C GLU A 33 -1.46 -22.53 -0.28
N THR A 34 -0.55 -21.86 -0.95
CA THR A 34 -0.29 -20.46 -0.62
C THR A 34 -1.57 -19.63 -0.82
N ARG A 35 -2.27 -19.83 -1.91
CA ARG A 35 -3.52 -19.12 -2.18
C ARG A 35 -4.55 -19.36 -1.08
N LYS A 36 -4.74 -20.61 -0.71
CA LYS A 36 -5.74 -20.93 0.28
C LYS A 36 -5.38 -20.30 1.63
N LEU A 37 -4.11 -20.34 1.99
CA LEU A 37 -3.68 -19.70 3.24
C LEU A 37 -3.87 -18.18 3.16
N LEU A 38 -3.49 -17.58 2.04
CA LEU A 38 -3.74 -16.14 1.85
C LEU A 38 -5.20 -15.77 1.93
N GLN A 39 -6.08 -16.59 1.39
N GLN A 39 -6.09 -16.60 1.37
CA GLN A 39 -7.50 -16.29 1.49
CA GLN A 39 -7.55 -16.41 1.51
C GLN A 39 -8.00 -16.32 2.94
C GLN A 39 -7.92 -16.24 2.98
N SER A 40 -7.46 -17.19 3.78
CA SER A 40 -7.86 -17.20 5.18
CA SER A 40 -7.76 -17.27 5.21
C SER A 40 -7.20 -16.06 5.95
N MET A 41 -5.95 -15.73 5.64
CA MET A 41 -5.31 -14.56 6.26
C MET A 41 -6.01 -13.25 5.87
N ALA A 42 -6.48 -13.14 4.64
CA ALA A 42 -7.27 -11.98 4.23
C ALA A 42 -8.61 -11.93 4.97
N ALA A 43 -9.27 -13.06 5.10
CA ALA A 43 -10.54 -13.12 5.85
C ALA A 43 -10.36 -12.69 7.32
N ALA A 44 -9.20 -13.01 7.91
CA ALA A 44 -8.87 -12.65 9.27
C ALA A 44 -8.36 -11.22 9.40
N GLY A 45 -8.26 -10.47 8.29
CA GLY A 45 -7.78 -9.11 8.33
C GLY A 45 -6.29 -8.96 8.54
N GLN A 46 -5.52 -10.00 8.22
CA GLN A 46 -4.09 -9.99 8.43
C GLN A 46 -3.25 -9.69 7.20
N VAL A 47 -3.75 -10.00 6.01
CA VAL A 47 -3.03 -9.78 4.77
C VAL A 47 -3.89 -9.02 3.82
N THR A 48 -3.24 -8.09 3.11
CA THR A 48 -3.79 -7.29 2.04
C THR A 48 -3.22 -7.81 0.71
N LEU A 49 -4.09 -7.95 -0.29
CA LEU A 49 -3.72 -8.49 -1.60
C LEU A 49 -3.86 -7.39 -2.65
N LEU A 50 -2.81 -7.17 -3.44
CA LEU A 50 -2.75 -6.05 -4.35
C LEU A 50 -2.18 -6.47 -5.69
N ARG A 51 -2.93 -6.28 -6.77
CA ARG A 51 -2.39 -6.53 -8.09
C ARG A 51 -1.49 -5.36 -8.47
N VAL A 52 -0.35 -5.69 -9.03
CA VAL A 52 0.65 -4.73 -9.45
C VAL A 52 1.06 -5.17 -10.86
N GLU A 53 0.66 -4.45 -11.89
CA GLU A 53 0.86 -4.88 -13.27
C GLU A 53 0.31 -6.31 -13.42
N ASN A 54 1.07 -7.26 -13.94
CA ASN A 54 0.63 -8.65 -14.08
C ASN A 54 1.12 -9.56 -12.96
N ASP A 55 1.38 -8.97 -11.79
CA ASP A 55 1.79 -9.68 -10.59
C ASP A 55 0.79 -9.44 -9.48
N LEU A 56 0.84 -10.29 -8.47
CA LEU A 56 -0.01 -10.16 -7.28
C LEU A 56 0.86 -10.18 -6.04
N TYR A 57 0.72 -9.14 -5.23
CA TYR A 57 1.48 -8.95 -3.99
C TYR A 57 0.63 -9.23 -2.77
N ALA A 58 1.29 -9.84 -1.79
CA ALA A 58 0.75 -10.05 -0.44
C ALA A 58 1.50 -9.13 0.51
N ILE A 59 0.76 -8.35 1.29
CA ILE A 59 1.30 -7.31 2.16
C ILE A 59 0.64 -7.44 3.55
N SER A 60 1.45 -7.32 4.60
CA SER A 60 0.89 -7.24 5.94
C SER A 60 -0.14 -6.13 6.04
N THR A 61 -1.34 -6.43 6.52
CA THR A 61 -2.37 -5.40 6.66
C THR A 61 -1.94 -4.32 7.66
N GLU A 62 -1.27 -4.71 8.73
CA GLU A 62 -0.80 -3.71 9.70
C GLU A 62 0.14 -2.73 9.02
N ARG A 63 1.03 -3.24 8.18
N ARG A 63 1.05 -3.24 8.18
CA ARG A 63 1.97 -2.35 7.48
CA ARG A 63 2.00 -2.39 7.45
C ARG A 63 1.23 -1.41 6.53
C ARG A 63 1.30 -1.44 6.47
N TYR A 64 0.30 -1.97 5.77
CA TYR A 64 -0.48 -1.22 4.81
C TYR A 64 -1.28 -0.12 5.49
N GLN A 65 -1.91 -0.44 6.61
CA GLN A 65 -2.68 0.56 7.37
C GLN A 65 -1.78 1.64 7.91
N ALA A 66 -0.58 1.29 8.35
CA ALA A 66 0.36 2.28 8.85
C ALA A 66 0.84 3.19 7.74
N TRP A 67 1.02 2.67 6.53
CA TRP A 67 1.32 3.51 5.38
C TRP A 67 0.22 4.54 5.19
N TRP A 68 -1.03 4.11 5.16
CA TRP A 68 -2.12 5.04 4.91
C TRP A 68 -2.16 6.13 6.00
N GLN A 69 -1.98 5.76 7.26
N GLN A 69 -2.01 5.75 7.26
CA GLN A 69 -2.04 6.78 8.31
CA GLN A 69 -1.98 6.74 8.36
C GLN A 69 -0.93 7.81 8.13
C GLN A 69 -0.95 7.80 8.05
N ALA A 70 0.24 7.37 7.67
CA ALA A 70 1.33 8.30 7.41
C ALA A 70 1.00 9.23 6.23
N VAL A 71 0.43 8.68 5.18
CA VAL A 71 0.07 9.47 3.99
C VAL A 71 -1.01 10.49 4.33
N THR A 72 -2.10 10.07 4.97
CA THR A 72 -3.17 11.03 5.23
C THR A 72 -2.69 12.14 6.14
N ARG A 73 -1.89 11.83 7.16
CA ARG A 73 -1.42 12.89 8.01
C ARG A 73 -0.53 13.84 7.22
N ALA A 74 0.40 13.31 6.43
CA ALA A 74 1.29 14.18 5.66
C ALA A 74 0.52 15.08 4.72
N LEU A 75 -0.50 14.56 4.06
CA LEU A 75 -1.26 15.37 3.14
C LEU A 75 -2.13 16.40 3.87
N GLU A 76 -2.75 16.01 4.98
N GLU A 76 -2.73 16.02 4.98
CA GLU A 76 -3.53 16.94 5.83
CA GLU A 76 -3.53 16.97 5.72
C GLU A 76 -2.66 18.12 6.23
C GLU A 76 -2.64 18.13 6.18
N GLU A 77 -1.45 17.82 6.69
CA GLU A 77 -0.56 18.87 7.12
C GLU A 77 -0.12 19.75 5.96
N PHE A 78 0.17 19.14 4.82
CA PHE A 78 0.60 19.86 3.64
C PHE A 78 -0.51 20.81 3.14
N HIS A 79 -1.73 20.31 3.08
CA HIS A 79 -2.83 21.13 2.63
C HIS A 79 -3.13 22.29 3.60
N SER A 80 -2.88 22.10 4.89
CA SER A 80 -3.02 23.17 5.87
C SER A 80 -1.93 24.21 5.73
N ARG A 81 -0.70 23.77 5.49
CA ARG A 81 0.44 24.68 5.40
C ARG A 81 0.49 25.41 4.07
N TYR A 82 0.06 24.75 3.00
CA TYR A 82 0.21 25.23 1.64
C TYR A 82 -1.10 25.04 0.86
N PRO A 83 -2.17 25.76 1.23
CA PRO A 83 -3.49 25.51 0.66
C PRO A 83 -3.67 25.93 -0.79
N LEU A 84 -2.69 26.61 -1.37
CA LEU A 84 -2.78 27.00 -2.79
C LEU A 84 -2.17 25.94 -3.70
N ARG A 85 -1.37 25.04 -3.17
CA ARG A 85 -0.66 24.08 -4.00
C ARG A 85 -1.59 22.93 -4.36
N PRO A 86 -1.41 22.34 -5.56
N PRO A 86 -1.58 22.47 -5.60
CA PRO A 86 -2.35 21.28 -5.93
CA PRO A 86 -2.31 21.27 -6.00
C PRO A 86 -2.12 19.98 -5.17
C PRO A 86 -2.14 20.02 -5.11
N GLY A 87 -0.94 19.83 -4.58
CA GLY A 87 -0.62 18.68 -3.78
C GLY A 87 0.85 18.53 -3.56
N LEU A 88 1.21 17.46 -2.86
CA LEU A 88 2.57 17.13 -2.52
C LEU A 88 3.18 16.36 -3.71
N ALA A 89 4.45 16.58 -4.03
CA ALA A 89 5.12 15.82 -5.08
C ALA A 89 5.02 14.34 -4.77
N ARG A 90 4.63 13.56 -5.79
CA ARG A 90 4.57 12.11 -5.65
C ARG A 90 5.95 11.56 -5.26
N GLU A 91 7.00 12.13 -5.82
CA GLU A 91 8.33 11.63 -5.52
C GLU A 91 8.80 11.99 -4.11
N GLU A 92 8.32 13.11 -3.58
CA GLU A 92 8.64 13.49 -2.21
C GLU A 92 7.94 12.57 -1.20
N LEU A 93 6.66 12.29 -1.44
CA LEU A 93 5.96 11.34 -0.58
C LEU A 93 6.65 9.97 -0.63
N ARG A 94 7.09 9.56 -1.82
CA ARG A 94 7.75 8.27 -1.99
C ARG A 94 9.01 8.21 -1.17
N SER A 95 9.81 9.27 -1.24
CA SER A 95 11.05 9.32 -0.50
C SER A 95 10.84 9.39 1.02
N ARG A 96 9.79 10.02 1.49
CA ARG A 96 9.50 10.11 2.92
C ARG A 96 9.20 8.75 3.52
N TYR A 97 8.31 7.99 2.89
CA TYR A 97 7.78 6.82 3.56
C TYR A 97 7.89 5.50 2.77
N PHE A 98 8.29 5.53 1.50
CA PHE A 98 8.19 4.39 0.61
C PHE A 98 9.47 4.10 -0.15
N SER A 99 10.62 4.52 0.34
N SER A 99 10.61 4.53 0.38
CA SER A 99 11.82 4.42 -0.48
CA SER A 99 11.87 4.43 -0.35
C SER A 99 12.29 3.00 -0.77
C SER A 99 12.17 2.99 -0.81
N ARG A 100 11.90 2.02 0.03
CA ARG A 100 12.27 0.61 -0.26
C ARG A 100 11.31 -0.07 -1.21
N LEU A 101 10.11 0.49 -1.43
CA LEU A 101 9.17 -0.17 -2.33
C LEU A 101 9.64 -0.06 -3.74
N PRO A 102 9.41 -1.09 -4.58
CA PRO A 102 9.54 -0.85 -6.01
C PRO A 102 8.60 0.30 -6.41
N ALA A 103 9.05 1.14 -7.33
CA ALA A 103 8.24 2.27 -7.81
C ALA A 103 6.86 1.81 -8.28
N ARG A 104 6.79 0.68 -8.97
CA ARG A 104 5.50 0.23 -9.47
C ARG A 104 4.51 -0.15 -8.39
N VAL A 105 5.02 -0.63 -7.25
CA VAL A 105 4.14 -0.96 -6.13
C VAL A 105 3.61 0.34 -5.49
N TYR A 106 4.50 1.30 -5.26
CA TYR A 106 4.07 2.62 -4.77
C TYR A 106 2.98 3.22 -5.67
N GLN A 107 3.18 3.16 -6.99
CA GLN A 107 2.19 3.72 -7.90
C GLN A 107 0.86 2.96 -7.75
N ALA A 108 0.90 1.63 -7.64
CA ALA A 108 -0.33 0.85 -7.47
C ALA A 108 -1.05 1.23 -6.17
N LEU A 109 -0.32 1.50 -5.10
CA LEU A 109 -0.93 1.95 -3.85
C LEU A 109 -1.62 3.29 -4.02
N LEU A 110 -0.94 4.26 -4.65
CA LEU A 110 -1.59 5.55 -4.87
C LEU A 110 -2.86 5.39 -5.70
N GLU A 111 -2.79 4.59 -6.75
CA GLU A 111 -3.98 4.39 -7.60
C GLU A 111 -5.11 3.69 -6.86
N GLU A 112 -4.80 2.76 -5.98
CA GLU A 112 -5.82 2.12 -5.15
C GLU A 112 -6.47 3.13 -4.21
N TRP A 113 -5.66 3.92 -3.51
CA TRP A 113 -6.23 4.91 -2.60
C TRP A 113 -7.02 5.96 -3.34
N SER A 114 -6.60 6.31 -4.56
CA SER A 114 -7.43 7.23 -5.34
C SER A 114 -8.77 6.61 -5.72
N ARG A 115 -8.76 5.37 -6.18
N ARG A 115 -8.79 5.37 -6.18
CA ARG A 115 -10.00 4.69 -6.56
CA ARG A 115 -10.05 4.79 -6.61
C ARG A 115 -10.97 4.63 -5.41
C ARG A 115 -10.99 4.48 -5.44
N GLU A 116 -10.45 4.34 -4.23
CA GLU A 116 -11.24 4.23 -3.04
C GLU A 116 -11.81 5.55 -2.55
N GLY A 117 -11.48 6.66 -3.19
CA GLY A 117 -12.00 7.93 -2.77
C GLY A 117 -11.19 8.57 -1.67
N ARG A 118 -9.98 8.08 -1.42
CA ARG A 118 -9.12 8.69 -0.39
C ARG A 118 -8.27 9.83 -0.90
N LEU A 119 -7.83 9.70 -2.15
CA LEU A 119 -6.85 10.60 -2.79
C LEU A 119 -7.39 11.06 -4.13
N GLN A 120 -6.77 12.12 -4.63
N GLN A 120 -6.83 12.19 -4.58
CA GLN A 120 -6.86 12.47 -6.03
CA GLN A 120 -6.81 12.63 -5.98
C GLN A 120 -5.43 12.71 -6.53
C GLN A 120 -5.37 12.56 -6.46
N LEU A 121 -5.17 12.28 -7.75
CA LEU A 121 -3.84 12.25 -8.33
C LEU A 121 -3.73 13.19 -9.52
N ALA A 122 -2.62 13.85 -9.63
CA ALA A 122 -2.18 14.49 -10.84
C ALA A 122 -0.92 13.73 -11.31
N ALA A 123 -0.39 14.09 -12.46
CA ALA A 123 0.76 13.38 -12.97
C ALA A 123 1.91 13.42 -11.97
N ASN A 124 2.12 14.56 -11.30
CA ASN A 124 3.27 14.77 -10.46
C ASN A 124 2.98 14.94 -8.97
N THR A 125 1.72 15.13 -8.61
CA THR A 125 1.34 15.45 -7.25
C THR A 125 0.19 14.60 -6.79
N VAL A 126 0.01 14.58 -5.47
CA VAL A 126 -1.04 13.83 -4.81
C VAL A 126 -1.70 14.73 -3.74
N ALA A 127 -3.00 14.57 -3.60
CA ALA A 127 -3.79 15.36 -2.64
C ALA A 127 -4.85 14.47 -2.02
N LEU A 128 -5.38 14.89 -0.88
CA LEU A 128 -6.56 14.26 -0.34
C LEU A 128 -7.74 14.49 -1.27
N ALA A 129 -8.62 13.49 -1.33
N ALA A 129 -8.61 13.50 -1.43
CA ALA A 129 -9.88 13.60 -2.02
CA ALA A 129 -9.69 13.61 -2.43
C ALA A 129 -10.62 14.82 -1.51
C ALA A 129 -10.58 14.85 -2.28
N GLY A 130 -11.17 15.60 -2.45
N GLY A 130 -10.83 15.33 -1.07
CA GLY A 130 -11.98 16.74 -2.16
CA GLY A 130 -11.74 16.51 -0.91
C GLY A 130 -11.19 18.02 -1.98
C GLY A 130 -11.10 17.92 -0.95
N PHE A 131 -9.86 17.94 -1.87
N PHE A 131 -9.79 17.96 -1.11
CA PHE A 131 -9.05 19.13 -1.63
CA PHE A 131 -9.05 19.23 -1.23
C PHE A 131 -9.12 20.01 -2.82
C PHE A 131 -9.25 19.97 -2.59
N THR A 132 -9.28 21.31 -2.56
CA THR A 132 -9.21 22.23 -3.69
C THR A 132 -8.38 23.46 -3.22
N PRO A 133 -7.45 24.00 -4.06
CA PRO A 133 -6.69 25.22 -3.66
C PRO A 133 -7.53 26.41 -3.27
N SER A 134 -7.11 27.09 -2.19
CA SER A 134 -7.78 28.28 -1.75
C SER A 134 -6.99 29.11 -0.77
N PHE A 135 -7.53 30.29 -0.46
CA PHE A 135 -6.91 31.23 0.48
C PHE A 135 -7.94 31.89 1.34
#